data_8CKT
#
_entry.id   8CKT
#
_cell.length_a   79.250
_cell.length_b   79.250
_cell.length_c   204.280
_cell.angle_alpha   90.00
_cell.angle_beta   90.00
_cell.angle_gamma   90.00
#
_symmetry.space_group_name_H-M   'P 43 21 2'
#
loop_
_entity.id
_entity.type
_entity.pdbx_description
1 polymer 'Cytokinin dehydrogenase 4'
2 non-polymer 'FLAVIN-ADENINE DINUCLEOTIDE'
3 non-polymer 2-[[3,5-bis(chloranyl)phenyl]carbamoylamino]-4-(trifluoromethyloxy)benzamide
4 water water
#
_entity_poly.entity_id   1
_entity_poly.type   'polypeptide(L)'
_entity_poly.pdbx_seq_one_letter_code
;MTRCLMFTLLFLVSSLISTVGLPVEPPAELLQLGGGDVGGGRLSVDASDIAEASRDFGGVARAEPMAVFHPRAAGDVAGL
VGAAFRSARGFRVSARGHGHSISGQAQAAGGVVVDMSRGRGPGAAVARALPVHSAALGGHYVDVWGGELWVDVLNWTLSH
GGLAPRSWTDYLYLSVGGTLSNAGISGQAFHHGPQISNVYELDVVTGKGEVVTCSETENPDLFFGVLGGLGQFGIITRAR
IALERAPKRVRWIRALYSNFSEFTADQERLISLGSGGGRRFDYVEGFVVAAEGLINNWRSSFFSPQNPVKLTSLKHHSSV
LYCLEVTKNYDDETAGSVDQDVDTLLGELNFLPGTVFTTDLPYVDFLDRVHKAELKLRAKGMWEVPHPWLNLFVPASRIA
DFDRGVFRGVLGGRTAGAGGPVLIYPMNKHKWDPRSSAVTPDEEVFYLVAFLRSALPGAPESLEALARQNQRILDFCAGT
GIGAKQYLPGHKARHEWAEHFGAARWDRFARLKAEFDPRAILAAGQGIFRPPGSPALAADS
;
_entity_poly.pdbx_strand_id   A
#
loop_
_chem_comp.id
_chem_comp.type
_chem_comp.name
_chem_comp.formula
FAD non-polymer 'FLAVIN-ADENINE DINUCLEOTIDE' 'C27 H33 N9 O15 P2'
V2F non-polymer 2-[[3,5-bis(chloranyl)phenyl]carbamoylamino]-4-(trifluoromethyloxy)benzamide 'C15 H10 Cl2 F3 N3 O3'
#
# COMPACT_ATOMS: atom_id res chain seq x y z
N GLY A 40 -19.11 -7.83 24.03
CA GLY A 40 -19.39 -8.26 22.67
C GLY A 40 -18.31 -9.10 22.03
N GLY A 41 -17.05 -8.69 22.23
CA GLY A 41 -15.87 -9.35 21.69
C GLY A 41 -15.29 -10.42 22.59
N ARG A 42 -14.36 -11.22 22.08
CA ARG A 42 -13.76 -12.29 22.87
C ARG A 42 -12.22 -12.33 22.80
N LEU A 43 -11.59 -12.55 23.98
CA LEU A 43 -10.16 -12.71 24.11
C LEU A 43 -9.83 -14.18 23.87
N SER A 44 -8.79 -14.44 23.08
CA SER A 44 -8.38 -15.78 22.72
C SER A 44 -6.93 -16.02 23.08
N VAL A 45 -6.63 -17.24 23.54
CA VAL A 45 -5.28 -17.68 23.86
C VAL A 45 -4.99 -18.97 23.07
N ASP A 46 -5.78 -19.20 22.00
CA ASP A 46 -5.59 -20.32 21.07
C ASP A 46 -4.15 -20.15 20.48
N ALA A 47 -3.32 -21.23 20.54
CA ALA A 47 -1.95 -21.21 20.04
C ALA A 47 -1.86 -20.83 18.55
N SER A 48 -2.86 -21.19 17.73
CA SER A 48 -2.90 -20.82 16.30
C SER A 48 -3.13 -19.30 16.12
N ASP A 49 -3.97 -18.72 17.01
CA ASP A 49 -4.29 -17.29 17.03
C ASP A 49 -3.06 -16.48 17.44
N ILE A 50 -2.37 -16.94 18.51
CA ILE A 50 -1.14 -16.33 19.04
C ILE A 50 -0.02 -16.41 18.01
N ALA A 51 0.17 -17.59 17.38
CA ALA A 51 1.19 -17.81 16.36
C ALA A 51 0.99 -16.86 15.17
N GLU A 52 -0.27 -16.71 14.70
CA GLU A 52 -0.62 -15.82 13.58
C GLU A 52 -0.38 -14.35 13.92
N ALA A 53 -0.82 -13.89 15.12
CA ALA A 53 -0.64 -12.53 15.61
C ALA A 53 0.85 -12.18 15.91
N SER A 54 1.71 -13.21 16.00
CA SER A 54 3.14 -13.11 16.33
C SER A 54 4.03 -13.10 15.11
N ARG A 55 3.45 -13.15 13.93
CA ARG A 55 4.19 -13.18 12.69
C ARG A 55 3.53 -12.27 11.66
N ASP A 56 4.22 -12.05 10.52
CA ASP A 56 3.69 -11.27 9.40
C ASP A 56 4.29 -11.78 8.11
N PHE A 57 3.91 -11.18 6.97
CA PHE A 57 4.41 -11.59 5.67
C PHE A 57 5.97 -11.46 5.54
N GLY A 58 6.56 -10.49 6.26
CA GLY A 58 8.02 -10.32 6.27
C GLY A 58 8.77 -11.57 6.72
N GLY A 59 8.20 -12.26 7.71
CA GLY A 59 8.73 -13.50 8.26
C GLY A 59 9.98 -13.35 9.11
N VAL A 60 10.22 -12.16 9.69
CA VAL A 60 11.42 -11.90 10.51
C VAL A 60 11.05 -11.50 11.93
N ALA A 61 10.28 -10.40 12.11
CA ALA A 61 9.82 -9.93 13.41
C ALA A 61 8.81 -10.94 13.96
N ARG A 62 8.96 -11.32 15.25
CA ARG A 62 8.12 -12.34 15.89
C ARG A 62 7.68 -12.03 17.33
N ALA A 63 7.37 -10.77 17.65
CA ALA A 63 6.94 -10.39 19.00
C ALA A 63 5.53 -10.92 19.35
N GLU A 64 5.44 -11.76 20.40
CA GLU A 64 4.20 -12.40 20.83
C GLU A 64 3.32 -11.55 21.74
N PRO A 65 1.98 -11.51 21.50
CA PRO A 65 1.10 -10.82 22.45
C PRO A 65 0.65 -11.79 23.57
N MET A 66 -0.06 -11.28 24.59
CA MET A 66 -0.66 -12.10 25.68
C MET A 66 -1.89 -12.83 25.13
N ALA A 67 -2.70 -12.13 24.31
CA ALA A 67 -3.95 -12.61 23.75
C ALA A 67 -4.33 -11.90 22.42
N VAL A 68 -5.28 -12.51 21.68
CA VAL A 68 -5.83 -11.97 20.43
C VAL A 68 -7.28 -11.58 20.73
N PHE A 69 -7.70 -10.39 20.32
CA PHE A 69 -9.07 -9.95 20.54
C PHE A 69 -9.83 -10.00 19.23
N HIS A 70 -11.01 -10.64 19.24
CA HIS A 70 -11.86 -10.76 18.09
C HIS A 70 -13.10 -9.86 18.32
N PRO A 71 -13.12 -8.62 17.76
CA PRO A 71 -14.27 -7.74 18.01
C PRO A 71 -15.47 -8.10 17.13
N ARG A 72 -16.69 -7.69 17.56
CA ARG A 72 -17.89 -7.91 16.77
C ARG A 72 -18.27 -6.60 16.10
N ALA A 73 -17.94 -5.47 16.78
CA ALA A 73 -18.25 -4.13 16.34
C ALA A 73 -17.23 -3.13 16.92
N ALA A 74 -17.33 -1.84 16.53
CA ALA A 74 -16.45 -0.75 16.97
C ALA A 74 -16.38 -0.56 18.49
N GLY A 75 -17.53 -0.67 19.17
CA GLY A 75 -17.62 -0.50 20.63
C GLY A 75 -16.77 -1.48 21.39
N ASP A 76 -16.60 -2.71 20.85
CA ASP A 76 -15.74 -3.74 21.44
C ASP A 76 -14.27 -3.32 21.36
N VAL A 77 -13.86 -2.68 20.23
CA VAL A 77 -12.49 -2.19 20.02
C VAL A 77 -12.27 -1.04 21.01
N ALA A 78 -13.25 -0.12 21.10
CA ALA A 78 -13.23 1.02 22.03
C ALA A 78 -13.07 0.54 23.47
N GLY A 79 -13.81 -0.51 23.84
CA GLY A 79 -13.75 -1.16 25.15
C GLY A 79 -12.36 -1.67 25.48
N LEU A 80 -11.76 -2.46 24.56
CA LEU A 80 -10.41 -3.00 24.75
C LEU A 80 -9.33 -1.90 24.81
N VAL A 81 -9.43 -0.87 23.96
CA VAL A 81 -8.44 0.22 23.95
C VAL A 81 -8.61 1.08 25.23
N GLY A 82 -9.86 1.26 25.64
CA GLY A 82 -10.22 1.98 26.86
C GLY A 82 -9.59 1.35 28.09
N ALA A 83 -9.66 0.00 28.18
CA ALA A 83 -9.08 -0.81 29.25
C ALA A 83 -7.56 -0.67 29.29
N ALA A 84 -6.88 -0.71 28.09
CA ALA A 84 -5.43 -0.52 27.95
C ALA A 84 -5.02 0.88 28.43
N PHE A 85 -5.81 1.92 28.05
CA PHE A 85 -5.57 3.30 28.46
C PHE A 85 -5.74 3.49 29.97
N ARG A 86 -6.79 2.89 30.56
CA ARG A 86 -7.06 3.00 31.98
C ARG A 86 -6.14 2.13 32.85
N SER A 87 -5.61 1.00 32.32
CA SER A 87 -4.72 0.08 33.04
C SER A 87 -3.46 0.74 33.62
N ALA A 88 -2.87 0.13 34.66
CA ALA A 88 -1.69 0.66 35.33
C ALA A 88 -0.47 0.59 34.42
N ARG A 89 -0.19 -0.60 33.87
CA ARG A 89 0.93 -0.86 32.98
C ARG A 89 0.80 -0.22 31.58
N GLY A 90 -0.43 -0.11 31.08
CA GLY A 90 -0.73 0.43 29.75
C GLY A 90 -0.25 -0.52 28.66
N PHE A 91 -0.83 -1.72 28.62
CA PHE A 91 -0.43 -2.74 27.66
C PHE A 91 -0.65 -2.30 26.18
N ARG A 92 0.19 -2.85 25.30
CA ARG A 92 0.20 -2.57 23.88
C ARG A 92 -1.01 -3.17 23.19
N VAL A 93 -1.63 -2.37 22.31
CA VAL A 93 -2.75 -2.81 21.49
C VAL A 93 -2.45 -2.49 20.04
N SER A 94 -2.48 -3.49 19.17
CA SER A 94 -2.30 -3.25 17.74
C SER A 94 -3.36 -3.98 16.95
N ALA A 95 -3.89 -3.30 15.94
CA ALA A 95 -4.86 -3.90 15.03
C ALA A 95 -4.05 -4.69 13.99
N ARG A 96 -4.55 -5.85 13.57
CA ARG A 96 -3.94 -6.65 12.51
C ARG A 96 -4.97 -6.72 11.38
N GLY A 97 -4.54 -6.34 10.18
CA GLY A 97 -5.36 -6.40 8.99
C GLY A 97 -5.30 -7.80 8.45
N HIS A 98 -4.46 -8.02 7.46
CA HIS A 98 -4.25 -9.35 6.91
C HIS A 98 -2.81 -9.85 7.24
N GLY A 99 -2.09 -9.11 8.09
CA GLY A 99 -0.71 -9.41 8.50
C GLY A 99 0.32 -9.28 7.37
N HIS A 100 0.12 -8.31 6.47
CA HIS A 100 1.04 -8.19 5.35
C HIS A 100 2.29 -7.31 5.62
N SER A 101 2.48 -6.90 6.89
CA SER A 101 3.64 -6.11 7.34
C SER A 101 4.93 -6.86 7.09
N ILE A 102 5.99 -6.11 6.86
CA ILE A 102 7.31 -6.65 6.55
C ILE A 102 8.17 -6.74 7.80
N SER A 103 7.90 -5.90 8.82
CA SER A 103 8.80 -5.88 9.97
C SER A 103 8.13 -5.60 11.33
N GLY A 104 7.09 -6.38 11.63
CA GLY A 104 6.36 -6.38 12.90
C GLY A 104 5.53 -5.16 13.22
N GLN A 105 5.16 -4.37 12.17
CA GLN A 105 4.35 -3.15 12.37
C GLN A 105 2.99 -3.42 13.09
N ALA A 106 2.41 -4.62 12.92
CA ALA A 106 1.11 -5.00 13.54
C ALA A 106 1.26 -5.89 14.82
N GLN A 107 2.48 -6.02 15.34
CA GLN A 107 2.75 -6.85 16.52
C GLN A 107 2.66 -6.06 17.81
N ALA A 108 2.07 -6.65 18.85
CA ALA A 108 1.93 -5.93 20.13
C ALA A 108 2.57 -6.80 21.24
N ALA A 109 3.90 -6.64 21.42
CA ALA A 109 4.75 -7.39 22.38
C ALA A 109 4.12 -7.41 23.77
N GLY A 110 3.74 -8.62 24.22
CA GLY A 110 3.11 -8.85 25.51
C GLY A 110 1.80 -8.12 25.76
N GLY A 111 1.13 -7.69 24.68
CA GLY A 111 -0.11 -6.94 24.76
C GLY A 111 -1.25 -7.68 24.10
N VAL A 112 -2.08 -6.97 23.34
CA VAL A 112 -3.21 -7.59 22.66
C VAL A 112 -3.23 -7.23 21.15
N VAL A 113 -3.33 -8.26 20.29
CA VAL A 113 -3.51 -8.02 18.87
C VAL A 113 -5.03 -8.10 18.58
N VAL A 114 -5.62 -7.04 18.01
CA VAL A 114 -7.04 -7.01 17.59
C VAL A 114 -7.08 -7.63 16.21
N ASP A 115 -7.69 -8.82 16.08
CA ASP A 115 -7.85 -9.48 14.77
C ASP A 115 -9.04 -8.77 14.09
N MET A 116 -8.74 -7.76 13.25
CA MET A 116 -9.78 -6.97 12.59
C MET A 116 -10.52 -7.73 11.50
N SER A 117 -10.09 -8.96 11.20
CA SER A 117 -10.74 -9.82 10.23
C SER A 117 -12.02 -10.43 10.86
N ARG A 118 -13.17 -9.85 10.53
CA ARG A 118 -14.44 -10.36 11.05
C ARG A 118 -14.87 -11.54 10.16
N GLY A 119 -14.82 -11.36 8.84
CA GLY A 119 -15.15 -12.37 7.85
C GLY A 119 -13.98 -13.29 7.55
N ALA A 124 -20.91 -11.73 6.24
CA ALA A 124 -21.39 -13.11 6.33
C ALA A 124 -22.13 -13.36 7.65
N ALA A 125 -21.60 -12.82 8.77
CA ALA A 125 -22.18 -12.90 10.11
C ALA A 125 -22.76 -11.53 10.46
N VAL A 126 -22.02 -10.46 10.13
CA VAL A 126 -22.41 -9.06 10.34
C VAL A 126 -22.98 -8.47 9.04
N ALA A 127 -23.86 -7.45 9.18
CA ALA A 127 -24.50 -6.75 8.08
C ALA A 127 -23.53 -5.75 7.46
N ARG A 128 -23.53 -5.67 6.12
CA ARG A 128 -22.68 -4.76 5.38
C ARG A 128 -23.50 -3.66 4.78
N ALA A 129 -22.99 -2.41 4.84
CA ALA A 129 -23.67 -1.25 4.28
C ALA A 129 -23.62 -1.31 2.77
N LEU A 130 -24.74 -0.95 2.12
CA LEU A 130 -24.86 -0.93 0.67
C LEU A 130 -24.24 0.36 0.16
N PRO A 131 -23.67 0.40 -1.08
CA PRO A 131 -23.22 1.69 -1.64
C PRO A 131 -24.34 2.73 -1.63
N VAL A 132 -23.97 4.00 -1.51
CA VAL A 132 -24.91 5.11 -1.44
C VAL A 132 -24.51 6.16 -2.48
N HIS A 133 -25.51 6.78 -3.11
CA HIS A 133 -25.24 7.90 -4.00
C HIS A 133 -25.49 9.22 -3.24
N SER A 134 -24.64 10.21 -3.48
CA SER A 134 -24.80 11.53 -2.89
C SER A 134 -24.80 12.60 -3.97
N ALA A 135 -25.88 13.39 -4.03
CA ALA A 135 -25.99 14.51 -4.96
C ALA A 135 -25.03 15.61 -4.57
N ALA A 136 -24.69 15.73 -3.27
CA ALA A 136 -23.76 16.76 -2.77
C ALA A 136 -22.31 16.45 -3.15
N LEU A 137 -21.91 15.17 -3.13
CA LEU A 137 -20.54 14.77 -3.46
C LEU A 137 -20.40 14.55 -4.98
N GLY A 138 -21.54 14.34 -5.64
CA GLY A 138 -21.63 14.11 -7.08
C GLY A 138 -21.20 12.71 -7.46
N GLY A 139 -21.27 11.78 -6.51
CA GLY A 139 -20.91 10.39 -6.71
C GLY A 139 -21.28 9.46 -5.58
N HIS A 140 -20.86 8.20 -5.74
CA HIS A 140 -21.13 7.13 -4.80
C HIS A 140 -20.01 6.94 -3.76
N TYR A 141 -20.38 6.31 -2.65
CA TYR A 141 -19.45 5.92 -1.60
C TYR A 141 -19.98 4.65 -0.99
N VAL A 142 -19.17 3.95 -0.17
CA VAL A 142 -19.56 2.77 0.59
C VAL A 142 -18.85 2.77 1.98
N ASP A 143 -19.59 2.44 3.02
CA ASP A 143 -19.07 2.32 4.37
C ASP A 143 -18.61 0.90 4.55
N VAL A 144 -17.34 0.73 4.94
CA VAL A 144 -16.75 -0.58 5.15
C VAL A 144 -16.09 -0.66 6.52
N TRP A 145 -16.11 -1.84 7.13
CA TRP A 145 -15.43 -2.14 8.39
C TRP A 145 -13.90 -2.02 8.10
N GLY A 146 -13.15 -1.45 9.06
CA GLY A 146 -11.70 -1.26 8.91
C GLY A 146 -10.93 -2.52 8.59
N GLY A 147 -11.45 -3.67 9.03
CA GLY A 147 -10.83 -4.97 8.81
C GLY A 147 -11.17 -5.62 7.49
N GLU A 148 -12.12 -5.06 6.72
CA GLU A 148 -12.54 -5.63 5.43
C GLU A 148 -11.36 -5.67 4.48
N LEU A 149 -11.27 -6.75 3.67
CA LEU A 149 -10.25 -6.91 2.64
C LEU A 149 -10.77 -6.27 1.38
N TRP A 150 -9.88 -5.60 0.63
CA TRP A 150 -10.20 -4.92 -0.61
C TRP A 150 -10.89 -5.83 -1.64
N VAL A 151 -10.49 -7.14 -1.69
CA VAL A 151 -11.09 -8.15 -2.56
C VAL A 151 -12.62 -8.32 -2.25
N ASP A 152 -12.98 -8.32 -0.94
CA ASP A 152 -14.35 -8.43 -0.47
C ASP A 152 -15.14 -7.16 -0.72
N VAL A 153 -14.47 -5.99 -0.56
CA VAL A 153 -15.05 -4.69 -0.85
C VAL A 153 -15.45 -4.64 -2.33
N LEU A 154 -14.51 -5.02 -3.23
CA LEU A 154 -14.69 -5.03 -4.68
C LEU A 154 -15.91 -5.92 -5.07
N ASN A 155 -15.96 -7.16 -4.57
CA ASN A 155 -17.03 -8.10 -4.83
C ASN A 155 -18.39 -7.56 -4.39
N TRP A 156 -18.44 -6.92 -3.20
CA TRP A 156 -19.63 -6.28 -2.65
C TRP A 156 -20.14 -5.13 -3.52
N THR A 157 -19.29 -4.15 -3.85
CA THR A 157 -19.70 -2.96 -4.62
C THR A 157 -20.07 -3.35 -6.05
N LEU A 158 -19.39 -4.35 -6.64
CA LEU A 158 -19.72 -4.77 -8.02
C LEU A 158 -21.12 -5.40 -8.05
N SER A 159 -21.44 -6.26 -7.06
CA SER A 159 -22.75 -6.91 -6.98
C SER A 159 -23.88 -5.96 -6.50
N HIS A 160 -23.54 -4.70 -6.12
CA HIS A 160 -24.53 -3.71 -5.69
C HIS A 160 -24.42 -2.41 -6.48
N GLY A 161 -24.75 -2.49 -7.75
CA GLY A 161 -24.72 -1.32 -8.62
C GLY A 161 -23.56 -1.28 -9.60
N GLY A 162 -22.77 -2.37 -9.65
CA GLY A 162 -21.61 -2.43 -10.54
C GLY A 162 -20.64 -1.29 -10.27
N LEU A 163 -20.44 -0.96 -8.97
CA LEU A 163 -19.56 0.15 -8.57
C LEU A 163 -18.23 -0.42 -8.05
N ALA A 164 -17.17 0.40 -8.04
CA ALA A 164 -15.87 -0.06 -7.49
C ALA A 164 -15.01 1.09 -7.04
N PRO A 165 -14.12 0.89 -6.02
CA PRO A 165 -13.13 1.95 -5.69
C PRO A 165 -12.31 2.33 -6.95
N ARG A 166 -11.77 3.55 -7.02
CA ARG A 166 -11.03 4.05 -8.21
C ARG A 166 -9.50 3.86 -8.08
N SER A 167 -8.99 3.72 -6.87
CA SER A 167 -7.54 3.64 -6.60
C SER A 167 -7.29 2.36 -5.84
N TRP A 168 -6.30 1.58 -6.33
CA TRP A 168 -6.00 0.27 -5.78
C TRP A 168 -4.58 0.09 -5.25
N THR A 169 -4.34 -1.14 -4.73
CA THR A 169 -3.05 -1.75 -4.42
C THR A 169 -2.95 -2.89 -5.48
N ASP A 170 -1.74 -3.44 -5.72
CA ASP A 170 -1.50 -4.54 -6.67
C ASP A 170 -2.12 -5.82 -6.12
N TYR A 171 -2.26 -5.89 -4.80
CA TYR A 171 -2.77 -7.05 -4.10
C TYR A 171 -3.99 -6.69 -3.27
N LEU A 172 -5.11 -7.36 -3.52
CA LEU A 172 -6.42 -7.11 -2.89
C LEU A 172 -6.65 -7.80 -1.55
N TYR A 173 -5.75 -8.72 -1.16
CA TYR A 173 -5.91 -9.40 0.13
C TYR A 173 -5.19 -8.60 1.23
N LEU A 174 -5.58 -7.33 1.34
CA LEU A 174 -5.07 -6.37 2.31
C LEU A 174 -6.28 -5.71 2.93
N SER A 175 -6.20 -5.33 4.20
CA SER A 175 -7.31 -4.65 4.85
C SER A 175 -7.37 -3.17 4.44
N VAL A 176 -8.57 -2.60 4.54
CA VAL A 176 -8.85 -1.20 4.26
C VAL A 176 -8.10 -0.31 5.28
N GLY A 177 -8.18 -0.67 6.56
CA GLY A 177 -7.52 0.05 7.64
C GLY A 177 -6.00 0.02 7.52
N GLY A 178 -5.47 -1.12 7.09
CA GLY A 178 -4.05 -1.37 6.87
C GLY A 178 -3.47 -0.50 5.77
N THR A 179 -4.12 -0.48 4.58
CA THR A 179 -3.62 0.35 3.47
C THR A 179 -3.84 1.84 3.72
N LEU A 180 -4.97 2.21 4.34
CA LEU A 180 -5.25 3.62 4.66
C LEU A 180 -4.30 4.19 5.72
N SER A 181 -3.66 3.30 6.53
CA SER A 181 -2.66 3.68 7.54
C SER A 181 -1.28 3.91 6.84
N ASN A 182 -1.17 3.60 5.54
CA ASN A 182 0.09 3.76 4.78
C ASN A 182 -0.09 4.75 3.62
N ALA A 183 -0.78 4.33 2.55
CA ALA A 183 -1.18 5.17 1.43
C ALA A 183 -2.09 4.38 0.51
N GLY A 184 -1.63 3.19 0.10
CA GLY A 184 -2.36 2.33 -0.83
C GLY A 184 -2.14 2.80 -2.26
N ILE A 185 -1.10 2.26 -2.94
CA ILE A 185 -0.71 2.65 -4.30
C ILE A 185 -0.63 1.49 -5.28
N SER A 186 -0.89 1.80 -6.54
CA SER A 186 -0.83 0.90 -7.69
C SER A 186 -0.84 1.83 -8.91
N GLY A 187 -1.03 1.27 -10.11
CA GLY A 187 -1.01 2.01 -11.37
C GLY A 187 -2.03 3.12 -11.54
N GLN A 188 -3.05 3.24 -10.65
CA GLN A 188 -4.07 4.31 -10.74
C GLN A 188 -3.69 5.55 -9.96
N ALA A 189 -2.75 5.44 -9.01
CA ALA A 189 -2.40 6.56 -8.11
C ALA A 189 -1.93 7.85 -8.83
N PHE A 190 -1.28 7.77 -10.01
CA PHE A 190 -0.82 8.97 -10.78
C PHE A 190 -2.00 9.88 -11.11
N HIS A 191 -3.19 9.27 -11.38
CA HIS A 191 -4.39 10.00 -11.77
C HIS A 191 -5.37 10.21 -10.60
N HIS A 192 -5.69 9.17 -9.80
CA HIS A 192 -6.66 9.27 -8.70
C HIS A 192 -6.06 9.58 -7.35
N GLY A 193 -4.75 9.46 -7.26
CA GLY A 193 -4.04 9.64 -6.01
C GLY A 193 -4.04 8.30 -5.31
N PRO A 194 -3.33 8.21 -4.17
CA PRO A 194 -3.37 6.96 -3.39
C PRO A 194 -4.77 6.74 -2.78
N GLN A 195 -5.01 5.57 -2.19
CA GLN A 195 -6.30 5.24 -1.55
C GLN A 195 -6.64 6.25 -0.41
N ILE A 196 -5.60 6.80 0.26
CA ILE A 196 -5.82 7.84 1.30
C ILE A 196 -6.38 9.16 0.71
N SER A 197 -6.34 9.32 -0.65
CA SER A 197 -6.91 10.48 -1.35
C SER A 197 -8.36 10.13 -1.86
N ASN A 198 -8.83 8.90 -1.57
CA ASN A 198 -10.14 8.41 -2.06
C ASN A 198 -11.05 7.92 -0.91
N VAL A 199 -11.00 8.67 0.19
CA VAL A 199 -11.78 8.36 1.37
C VAL A 199 -12.39 9.66 1.94
N TYR A 200 -13.70 9.63 2.13
CA TYR A 200 -14.50 10.75 2.61
C TYR A 200 -14.53 10.92 4.11
N GLU A 201 -14.54 9.81 4.85
CA GLU A 201 -14.77 9.86 6.28
C GLU A 201 -14.32 8.59 6.94
N LEU A 202 -14.06 8.67 8.24
CA LEU A 202 -13.69 7.49 9.03
C LEU A 202 -14.38 7.51 10.39
N ASP A 203 -14.46 6.33 11.02
CA ASP A 203 -14.73 6.16 12.43
C ASP A 203 -13.40 5.65 12.96
N VAL A 204 -12.87 6.33 13.97
CA VAL A 204 -11.58 5.99 14.57
C VAL A 204 -11.75 5.78 16.07
N VAL A 205 -11.16 4.70 16.58
CA VAL A 205 -11.06 4.40 18.01
C VAL A 205 -9.67 4.94 18.38
N THR A 206 -9.58 6.08 19.07
CA THR A 206 -8.30 6.67 19.49
C THR A 206 -7.58 5.83 20.56
N GLY A 207 -6.35 6.20 20.89
CA GLY A 207 -5.55 5.56 21.94
C GLY A 207 -6.09 5.76 23.36
N LYS A 208 -7.18 6.54 23.48
CA LYS A 208 -7.93 6.80 24.72
C LYS A 208 -9.25 5.98 24.72
N GLY A 209 -9.47 5.14 23.71
CA GLY A 209 -10.67 4.30 23.60
C GLY A 209 -11.94 5.05 23.27
N GLU A 210 -11.82 6.25 22.72
CA GLU A 210 -12.93 7.09 22.32
C GLU A 210 -13.21 6.81 20.81
N VAL A 211 -14.50 6.70 20.43
CA VAL A 211 -14.92 6.50 19.03
C VAL A 211 -15.21 7.89 18.44
N VAL A 212 -14.50 8.26 17.37
CA VAL A 212 -14.62 9.58 16.73
C VAL A 212 -14.90 9.45 15.22
N THR A 213 -15.92 10.17 14.74
CA THR A 213 -16.25 10.28 13.31
C THR A 213 -15.48 11.50 12.84
N CYS A 214 -14.64 11.32 11.81
CA CYS A 214 -13.81 12.39 11.28
C CYS A 214 -13.78 12.38 9.76
N SER A 215 -13.52 13.56 9.19
CA SER A 215 -13.51 13.89 7.76
C SER A 215 -12.77 15.21 7.60
N GLU A 216 -12.71 15.76 6.38
CA GLU A 216 -12.13 17.09 6.13
C GLU A 216 -12.91 18.20 6.92
N THR A 217 -14.21 17.98 7.19
CA THR A 217 -15.06 18.98 7.87
C THR A 217 -15.26 18.72 9.37
N GLU A 218 -15.12 17.47 9.83
CA GLU A 218 -15.33 17.12 11.24
C GLU A 218 -14.07 16.48 11.78
N ASN A 219 -13.48 17.07 12.85
CA ASN A 219 -12.23 16.60 13.48
C ASN A 219 -11.16 16.35 12.40
N PRO A 220 -10.86 17.34 11.52
CA PRO A 220 -9.91 17.10 10.41
C PRO A 220 -8.50 16.69 10.82
N ASP A 221 -7.99 17.14 11.99
CA ASP A 221 -6.65 16.78 12.49
C ASP A 221 -6.55 15.27 12.72
N LEU A 222 -7.62 14.66 13.26
CA LEU A 222 -7.64 13.21 13.48
C LEU A 222 -7.75 12.49 12.13
N PHE A 223 -8.62 13.00 11.22
CA PHE A 223 -8.81 12.39 9.90
C PHE A 223 -7.51 12.38 9.08
N PHE A 224 -6.89 13.55 8.85
CA PHE A 224 -5.66 13.65 8.09
C PHE A 224 -4.47 13.03 8.82
N GLY A 225 -4.52 12.98 10.15
CA GLY A 225 -3.46 12.37 10.96
C GLY A 225 -3.44 10.87 10.79
N VAL A 226 -4.63 10.23 10.86
CA VAL A 226 -4.80 8.78 10.71
C VAL A 226 -4.38 8.31 9.30
N LEU A 227 -4.73 9.08 8.25
CA LEU A 227 -4.40 8.76 6.86
C LEU A 227 -2.88 8.82 6.65
N GLY A 228 -2.29 7.65 6.42
CA GLY A 228 -0.84 7.49 6.28
C GLY A 228 -0.13 7.53 7.62
N GLY A 229 -0.91 7.53 8.71
CA GLY A 229 -0.48 7.67 10.11
C GLY A 229 0.12 6.50 10.83
N LEU A 230 0.33 5.37 10.14
CA LEU A 230 1.00 4.17 10.64
C LEU A 230 0.35 3.57 11.93
N GLY A 231 -0.97 3.71 12.01
CA GLY A 231 -1.78 3.25 13.14
C GLY A 231 -1.49 3.97 14.45
N GLN A 232 -0.80 5.12 14.40
CA GLN A 232 -0.34 5.84 15.62
C GLN A 232 -1.38 6.58 16.45
N PHE A 233 -2.49 7.02 15.82
CA PHE A 233 -3.49 7.88 16.45
C PHE A 233 -4.86 7.22 16.67
N GLY A 234 -4.99 5.95 16.28
CA GLY A 234 -6.24 5.23 16.42
C GLY A 234 -6.44 4.07 15.47
N ILE A 235 -7.48 3.25 15.75
CA ILE A 235 -7.87 2.10 14.94
C ILE A 235 -9.07 2.51 14.08
N ILE A 236 -8.94 2.34 12.75
CA ILE A 236 -10.02 2.63 11.80
C ILE A 236 -11.04 1.51 11.93
N THR A 237 -12.27 1.85 12.33
CA THR A 237 -13.36 0.86 12.43
C THR A 237 -14.33 0.98 11.27
N ARG A 238 -14.40 2.17 10.63
CA ARG A 238 -15.21 2.43 9.44
C ARG A 238 -14.44 3.36 8.52
N ALA A 239 -14.50 3.07 7.24
CA ALA A 239 -13.94 3.93 6.21
C ALA A 239 -15.01 4.07 5.14
N ARG A 240 -15.25 5.31 4.71
CA ARG A 240 -16.24 5.65 3.69
C ARG A 240 -15.48 5.88 2.36
N ILE A 241 -15.43 4.80 1.54
CA ILE A 241 -14.65 4.69 0.31
C ILE A 241 -15.35 5.29 -0.89
N ALA A 242 -14.63 6.12 -1.65
CA ALA A 242 -15.15 6.73 -2.88
C ALA A 242 -15.30 5.63 -3.93
N LEU A 243 -16.38 5.70 -4.72
CA LEU A 243 -16.64 4.69 -5.75
C LEU A 243 -16.92 5.35 -7.07
N GLU A 244 -16.67 4.63 -8.15
CA GLU A 244 -16.99 5.03 -9.50
C GLU A 244 -17.73 3.86 -10.15
N ARG A 245 -18.37 4.10 -11.30
CA ARG A 245 -19.02 3.05 -12.09
C ARG A 245 -17.87 2.21 -12.60
N ALA A 246 -17.88 0.93 -12.28
CA ALA A 246 -16.79 0.06 -12.66
C ALA A 246 -16.72 -0.23 -14.15
N PRO A 247 -15.48 -0.27 -14.73
CA PRO A 247 -15.36 -0.74 -16.12
C PRO A 247 -15.69 -2.23 -16.12
N LYS A 248 -16.02 -2.81 -17.28
CA LYS A 248 -16.32 -4.25 -17.29
C LYS A 248 -15.07 -5.05 -17.64
N ARG A 249 -14.25 -4.50 -18.56
CA ARG A 249 -13.07 -5.22 -19.05
C ARG A 249 -11.81 -4.36 -19.07
N VAL A 250 -10.68 -5.03 -19.25
CA VAL A 250 -9.37 -4.37 -19.28
C VAL A 250 -8.53 -4.82 -20.48
N ARG A 251 -7.99 -3.87 -21.24
CA ARG A 251 -6.99 -4.14 -22.25
C ARG A 251 -5.63 -3.92 -21.53
N TRP A 252 -4.97 -5.02 -21.14
CA TRP A 252 -3.72 -5.10 -20.37
C TRP A 252 -2.51 -5.31 -21.30
N ILE A 253 -1.66 -4.27 -21.37
CA ILE A 253 -0.48 -4.19 -22.23
C ILE A 253 0.87 -4.14 -21.46
N ARG A 254 1.88 -4.82 -22.04
CA ARG A 254 3.27 -4.82 -21.62
C ARG A 254 4.14 -4.59 -22.85
N ALA A 255 5.16 -3.73 -22.72
CA ALA A 255 6.10 -3.38 -23.80
C ALA A 255 7.52 -3.28 -23.18
N LEU A 256 8.55 -3.78 -23.89
CA LEU A 256 9.93 -3.81 -23.41
C LEU A 256 10.79 -2.66 -23.91
N TYR A 257 11.74 -2.24 -23.07
CA TYR A 257 12.71 -1.15 -23.31
C TYR A 257 14.07 -1.64 -22.88
N SER A 258 15.09 -1.24 -23.64
CA SER A 258 16.48 -1.53 -23.23
C SER A 258 17.11 -0.19 -22.75
N ASN A 259 16.52 0.96 -23.17
CA ASN A 259 16.99 2.28 -22.80
C ASN A 259 16.18 2.89 -21.63
N PHE A 260 16.84 3.01 -20.44
CA PHE A 260 16.22 3.54 -19.23
C PHE A 260 15.75 4.98 -19.36
N SER A 261 16.48 5.81 -20.15
CA SER A 261 16.10 7.20 -20.39
C SER A 261 14.82 7.28 -21.20
N GLU A 262 14.64 6.37 -22.18
CA GLU A 262 13.41 6.37 -23.00
C GLU A 262 12.25 5.81 -22.17
N PHE A 263 12.50 4.73 -21.38
CA PHE A 263 11.52 4.10 -20.50
C PHE A 263 10.93 5.10 -19.48
N THR A 264 11.80 5.78 -18.70
CA THR A 264 11.38 6.79 -17.71
C THR A 264 10.72 7.98 -18.38
N ALA A 265 11.25 8.45 -19.54
CA ALA A 265 10.67 9.58 -20.27
C ALA A 265 9.21 9.26 -20.68
N ASP A 266 8.96 8.00 -21.11
CA ASP A 266 7.63 7.52 -21.53
C ASP A 266 6.69 7.36 -20.34
N GLN A 267 7.20 6.80 -19.21
CA GLN A 267 6.43 6.68 -17.98
C GLN A 267 5.99 8.08 -17.52
N GLU A 268 6.94 9.03 -17.49
CA GLU A 268 6.68 10.42 -17.11
C GLU A 268 5.70 11.14 -18.04
N ARG A 269 5.78 10.86 -19.35
CA ARG A 269 4.81 11.44 -20.28
C ARG A 269 3.40 10.83 -20.07
N LEU A 270 3.31 9.51 -19.83
CA LEU A 270 2.03 8.83 -19.62
C LEU A 270 1.27 9.34 -18.42
N ILE A 271 1.98 9.64 -17.30
CA ILE A 271 1.35 10.12 -16.07
C ILE A 271 0.98 11.64 -16.13
N SER A 272 1.40 12.35 -17.18
CA SER A 272 1.05 13.78 -17.37
C SER A 272 -0.25 13.91 -18.19
N LEU A 273 -0.70 12.82 -18.84
CA LEU A 273 -1.91 12.74 -19.69
C LEU A 273 -3.16 12.76 -18.83
N GLY A 274 -4.23 13.37 -19.35
CA GLY A 274 -5.50 13.49 -18.64
C GLY A 274 -5.73 14.87 -18.06
N SER A 275 -5.60 15.90 -18.92
CA SER A 275 -5.80 17.31 -18.61
C SER A 275 -6.74 17.88 -19.68
N GLY A 276 -7.96 18.25 -19.25
CA GLY A 276 -9.02 18.69 -20.14
C GLY A 276 -9.43 17.56 -21.04
N GLY A 277 -9.92 16.49 -20.42
CA GLY A 277 -10.28 15.24 -21.11
C GLY A 277 -9.02 14.52 -21.50
N GLY A 278 -8.81 14.37 -22.82
CA GLY A 278 -7.64 13.73 -23.40
C GLY A 278 -7.52 12.23 -23.21
N ARG A 279 -6.95 11.57 -24.22
CA ARG A 279 -6.72 10.13 -24.22
C ARG A 279 -5.62 9.79 -23.20
N ARG A 280 -5.87 8.81 -22.31
CA ARG A 280 -4.90 8.37 -21.30
C ARG A 280 -5.11 6.90 -20.95
N PHE A 281 -4.08 6.27 -20.38
CA PHE A 281 -4.18 4.91 -19.89
C PHE A 281 -4.78 5.04 -18.48
N ASP A 282 -5.42 3.99 -17.99
CA ASP A 282 -6.05 4.02 -16.67
C ASP A 282 -5.12 3.49 -15.58
N TYR A 283 -3.97 2.94 -15.98
CA TYR A 283 -3.00 2.33 -15.11
C TYR A 283 -1.64 2.46 -15.75
N VAL A 284 -0.63 2.82 -14.94
CA VAL A 284 0.78 2.97 -15.36
C VAL A 284 1.69 2.37 -14.29
N GLU A 285 2.29 1.22 -14.59
CA GLU A 285 3.31 0.66 -13.75
C GLU A 285 4.52 0.34 -14.61
N GLY A 286 5.47 -0.37 -14.04
CA GLY A 286 6.70 -0.77 -14.68
C GLY A 286 7.49 -1.70 -13.80
N PHE A 287 8.41 -2.47 -14.41
CA PHE A 287 9.27 -3.38 -13.67
C PHE A 287 10.61 -3.60 -14.40
N VAL A 288 11.65 -3.91 -13.62
CA VAL A 288 13.01 -4.14 -14.10
C VAL A 288 13.17 -5.64 -14.29
N VAL A 289 13.61 -6.06 -15.50
CA VAL A 289 13.78 -7.47 -15.91
C VAL A 289 15.25 -7.82 -16.22
N ALA A 290 15.70 -9.02 -15.81
CA ALA A 290 17.04 -9.54 -16.15
C ALA A 290 16.94 -10.08 -17.59
N ALA A 291 17.93 -9.78 -18.46
CA ALA A 291 17.93 -10.21 -19.88
C ALA A 291 17.83 -11.72 -20.09
N GLU A 292 18.48 -12.54 -19.23
CA GLU A 292 18.43 -14.00 -19.35
C GLU A 292 17.09 -14.59 -18.86
N GLY A 293 16.57 -15.55 -19.63
CA GLY A 293 15.31 -16.24 -19.34
C GLY A 293 14.09 -15.41 -19.68
N SER A 318 20.27 -4.04 -23.78
CA SER A 318 21.19 -3.90 -22.65
C SER A 318 21.19 -5.15 -21.71
N SER A 319 21.95 -5.09 -20.60
CA SER A 319 22.09 -6.17 -19.59
C SER A 319 20.74 -6.43 -18.86
N VAL A 320 19.99 -5.34 -18.63
CA VAL A 320 18.67 -5.35 -18.00
C VAL A 320 17.68 -4.72 -18.94
N LEU A 321 16.43 -5.16 -18.82
CA LEU A 321 15.34 -4.61 -19.61
C LEU A 321 14.32 -3.98 -18.67
N TYR A 322 13.55 -3.04 -19.21
CA TYR A 322 12.52 -2.36 -18.45
C TYR A 322 11.18 -2.62 -19.14
N CYS A 323 10.24 -3.12 -18.37
CA CYS A 323 8.93 -3.41 -18.87
C CYS A 323 7.94 -2.35 -18.46
N LEU A 324 7.36 -1.67 -19.47
CA LEU A 324 6.28 -0.71 -19.30
C LEU A 324 4.96 -1.51 -19.22
N GLU A 325 4.15 -1.27 -18.19
CA GLU A 325 2.86 -1.97 -18.03
C GLU A 325 1.75 -0.96 -17.90
N VAL A 326 0.81 -1.03 -18.85
CA VAL A 326 -0.33 -0.11 -18.95
C VAL A 326 -1.65 -0.86 -19.17
N THR A 327 -2.76 -0.19 -18.85
CA THR A 327 -4.10 -0.73 -19.10
C THR A 327 -5.00 0.35 -19.63
N LYS A 328 -6.03 -0.08 -20.38
CA LYS A 328 -7.10 0.75 -20.84
C LYS A 328 -8.40 0.03 -20.43
N ASN A 329 -9.11 0.66 -19.51
CA ASN A 329 -10.39 0.20 -18.96
C ASN A 329 -11.49 0.52 -19.98
N TYR A 330 -12.45 -0.43 -20.13
CA TYR A 330 -13.60 -0.23 -21.03
C TYR A 330 -14.85 -1.03 -20.60
N ASP A 331 -16.02 -0.56 -21.06
CA ASP A 331 -17.31 -1.20 -20.82
C ASP A 331 -18.02 -1.43 -22.17
N ASP A 332 -19.35 -1.67 -22.14
CA ASP A 332 -20.13 -1.90 -23.37
C ASP A 332 -20.18 -0.65 -24.27
N GLU A 333 -20.25 0.56 -23.68
CA GLU A 333 -20.29 1.85 -24.37
C GLU A 333 -18.97 2.22 -25.07
N THR A 334 -17.81 1.92 -24.43
CA THR A 334 -16.49 2.28 -24.96
C THR A 334 -15.78 1.15 -25.72
N ALA A 335 -16.36 -0.07 -25.74
CA ALA A 335 -15.79 -1.25 -26.42
C ALA A 335 -15.40 -1.02 -27.88
N GLY A 336 -16.16 -0.16 -28.57
CA GLY A 336 -15.94 0.19 -29.97
C GLY A 336 -14.77 1.10 -30.25
N SER A 337 -14.32 1.87 -29.24
CA SER A 337 -13.19 2.80 -29.39
C SER A 337 -11.90 2.36 -28.66
N VAL A 338 -11.95 1.23 -27.90
CA VAL A 338 -10.82 0.77 -27.10
C VAL A 338 -9.59 0.42 -27.97
N ASP A 339 -9.77 -0.31 -29.09
CA ASP A 339 -8.67 -0.68 -29.99
C ASP A 339 -7.96 0.54 -30.58
N GLN A 340 -8.74 1.57 -30.99
CA GLN A 340 -8.19 2.81 -31.55
C GLN A 340 -7.47 3.63 -30.48
N ASP A 341 -8.09 3.80 -29.29
CA ASP A 341 -7.48 4.54 -28.17
C ASP A 341 -6.13 3.95 -27.77
N VAL A 342 -6.03 2.61 -27.71
CA VAL A 342 -4.81 1.89 -27.37
C VAL A 342 -3.74 2.11 -28.45
N ASP A 343 -4.11 1.93 -29.74
CA ASP A 343 -3.17 2.10 -30.87
C ASP A 343 -2.63 3.52 -30.97
N THR A 344 -3.48 4.52 -30.69
CA THR A 344 -3.14 5.94 -30.71
C THR A 344 -2.11 6.26 -29.63
N LEU A 345 -2.38 5.83 -28.37
CA LEU A 345 -1.49 6.08 -27.24
C LEU A 345 -0.16 5.37 -27.41
N LEU A 346 -0.19 4.10 -27.87
CA LEU A 346 1.02 3.29 -28.10
C LEU A 346 1.94 3.84 -29.20
N GLY A 347 1.36 4.47 -30.23
CA GLY A 347 2.11 5.03 -31.35
C GLY A 347 3.03 6.17 -30.94
N GLU A 348 2.60 6.93 -29.92
CA GLU A 348 3.32 8.05 -29.33
C GLU A 348 4.50 7.60 -28.42
N LEU A 349 4.62 6.28 -28.14
CA LEU A 349 5.66 5.70 -27.28
C LEU A 349 6.90 5.18 -28.03
N ASN A 350 8.01 4.94 -27.30
CA ASN A 350 9.30 4.54 -27.87
C ASN A 350 9.82 3.20 -27.39
N PHE A 351 8.91 2.24 -27.14
CA PHE A 351 9.26 0.88 -26.73
C PHE A 351 9.93 0.11 -27.90
N LEU A 352 10.60 -1.01 -27.60
CA LEU A 352 11.28 -1.85 -28.58
C LEU A 352 10.24 -2.48 -29.53
N PRO A 353 10.34 -2.27 -30.88
CA PRO A 353 9.37 -2.85 -31.80
C PRO A 353 9.30 -4.38 -31.71
N GLY A 354 8.07 -4.91 -31.69
CA GLY A 354 7.81 -6.35 -31.60
C GLY A 354 7.81 -6.90 -30.20
N THR A 355 7.75 -6.01 -29.17
CA THR A 355 7.75 -6.43 -27.76
C THR A 355 6.43 -6.13 -27.02
N VAL A 356 5.37 -5.72 -27.76
CA VAL A 356 4.05 -5.46 -27.18
C VAL A 356 3.31 -6.79 -26.95
N PHE A 357 2.93 -7.05 -25.69
CA PHE A 357 2.18 -8.22 -25.24
C PHE A 357 0.84 -7.70 -24.74
N THR A 358 -0.27 -8.25 -25.28
CA THR A 358 -1.61 -7.79 -24.94
C THR A 358 -2.49 -8.94 -24.42
N THR A 359 -3.33 -8.61 -23.45
CA THR A 359 -4.30 -9.50 -22.82
C THR A 359 -5.59 -8.68 -22.67
N ASP A 360 -6.73 -9.36 -22.78
CA ASP A 360 -8.05 -8.79 -22.65
C ASP A 360 -8.75 -9.69 -21.64
N LEU A 361 -9.22 -9.10 -20.53
CA LEU A 361 -9.78 -9.91 -19.44
C LEU A 361 -10.78 -9.12 -18.61
N PRO A 362 -11.64 -9.78 -17.78
CA PRO A 362 -12.56 -9.01 -16.92
C PRO A 362 -11.77 -8.15 -15.90
N TYR A 363 -12.33 -6.97 -15.55
CA TYR A 363 -11.81 -6.01 -14.56
C TYR A 363 -11.39 -6.69 -13.26
N VAL A 364 -12.27 -7.58 -12.71
CA VAL A 364 -11.96 -8.32 -11.48
C VAL A 364 -10.73 -9.17 -11.63
N ASP A 365 -10.57 -9.83 -12.80
CA ASP A 365 -9.44 -10.73 -13.05
C ASP A 365 -8.15 -9.95 -13.11
N PHE A 366 -8.16 -8.76 -13.75
CA PHE A 366 -6.96 -7.91 -13.78
C PHE A 366 -6.57 -7.51 -12.34
N LEU A 367 -7.51 -6.94 -11.57
CA LEU A 367 -7.29 -6.49 -10.18
C LEU A 367 -6.85 -7.59 -9.24
N ASP A 368 -7.19 -8.84 -9.56
CA ASP A 368 -6.82 -9.98 -8.74
C ASP A 368 -5.58 -10.75 -9.21
N ARG A 369 -4.88 -10.26 -10.25
CA ARG A 369 -3.70 -10.91 -10.85
C ARG A 369 -2.63 -11.41 -9.84
N VAL A 370 -2.32 -10.64 -8.78
CA VAL A 370 -1.26 -10.99 -7.82
C VAL A 370 -1.72 -12.18 -6.93
N HIS A 371 -3.04 -12.30 -6.69
CA HIS A 371 -3.57 -13.45 -5.96
C HIS A 371 -3.31 -14.78 -6.76
N LYS A 372 -3.35 -14.71 -8.10
CA LYS A 372 -3.09 -15.85 -8.98
C LYS A 372 -1.61 -16.26 -8.87
N ALA A 373 -0.68 -15.27 -8.79
CA ALA A 373 0.75 -15.49 -8.61
C ALA A 373 0.97 -16.16 -7.25
N GLU A 374 0.22 -15.70 -6.21
CA GLU A 374 0.25 -16.25 -4.86
C GLU A 374 -0.12 -17.74 -4.84
N LEU A 375 -1.23 -18.14 -5.50
CA LEU A 375 -1.68 -19.53 -5.54
C LEU A 375 -0.62 -20.45 -6.17
N LYS A 376 0.08 -19.98 -7.23
CA LYS A 376 1.18 -20.72 -7.86
C LYS A 376 2.39 -20.85 -6.90
N LEU A 377 2.63 -19.83 -6.04
CA LEU A 377 3.73 -19.86 -5.09
C LEU A 377 3.45 -20.81 -3.94
N ARG A 378 2.19 -20.83 -3.46
CA ARG A 378 1.72 -21.73 -2.39
C ARG A 378 1.85 -23.21 -2.83
N ALA A 379 1.60 -23.48 -4.13
CA ALA A 379 1.69 -24.81 -4.75
C ALA A 379 3.14 -25.33 -4.82
N LYS A 380 4.14 -24.42 -4.72
CA LYS A 380 5.58 -24.73 -4.75
C LYS A 380 6.28 -24.54 -3.39
N GLY A 381 5.51 -24.23 -2.34
CA GLY A 381 6.03 -23.98 -0.99
C GLY A 381 6.92 -22.74 -0.94
N MET A 382 6.67 -21.79 -1.85
CA MET A 382 7.45 -20.57 -2.03
C MET A 382 6.76 -19.29 -1.52
N TRP A 383 5.62 -19.44 -0.81
CA TRP A 383 4.84 -18.32 -0.29
C TRP A 383 5.21 -18.03 1.14
N GLU A 384 5.25 -19.05 2.02
CA GLU A 384 5.62 -18.86 3.41
C GLU A 384 7.14 -18.93 3.56
N VAL A 385 7.83 -17.93 3.01
CA VAL A 385 9.27 -17.70 3.02
C VAL A 385 9.51 -16.26 3.54
N PRO A 386 10.75 -15.91 4.01
CA PRO A 386 10.97 -14.53 4.44
C PRO A 386 10.85 -13.57 3.25
N HIS A 387 10.21 -12.42 3.44
CA HIS A 387 10.04 -11.41 2.38
C HIS A 387 10.68 -10.10 2.83
N PRO A 388 12.02 -9.96 2.64
CA PRO A 388 12.69 -8.68 3.05
C PRO A 388 12.47 -7.59 1.99
N TRP A 389 11.21 -7.18 1.85
CA TRP A 389 10.78 -6.22 0.84
C TRP A 389 11.07 -4.79 1.21
N LEU A 390 11.66 -4.05 0.27
CA LEU A 390 12.03 -2.66 0.46
C LEU A 390 11.32 -1.76 -0.53
N ASN A 391 10.64 -0.74 -0.04
CA ASN A 391 9.88 0.17 -0.87
C ASN A 391 10.38 1.59 -0.70
N LEU A 392 10.79 2.21 -1.81
CA LEU A 392 11.30 3.59 -1.78
C LEU A 392 10.55 4.51 -2.69
N PHE A 393 10.38 5.73 -2.24
CA PHE A 393 9.87 6.82 -3.04
C PHE A 393 11.13 7.64 -3.43
N VAL A 394 11.42 7.71 -4.74
CA VAL A 394 12.61 8.35 -5.30
C VAL A 394 12.27 9.59 -6.13
N PRO A 395 12.81 10.78 -5.74
CA PRO A 395 12.56 11.99 -6.55
C PRO A 395 12.96 11.73 -8.01
N ALA A 396 12.10 12.11 -8.97
CA ALA A 396 12.33 11.92 -10.41
C ALA A 396 13.66 12.52 -10.89
N SER A 397 14.11 13.61 -10.26
CA SER A 397 15.39 14.27 -10.59
C SER A 397 16.61 13.34 -10.34
N ARG A 398 16.45 12.29 -9.51
CA ARG A 398 17.55 11.37 -9.16
C ARG A 398 17.35 9.94 -9.62
N ILE A 399 16.30 9.67 -10.44
CA ILE A 399 15.98 8.32 -10.92
C ILE A 399 17.05 7.75 -11.88
N ALA A 400 17.66 8.59 -12.75
CA ALA A 400 18.68 8.12 -13.71
C ALA A 400 19.87 7.50 -12.98
N ASP A 401 20.35 8.16 -11.90
CA ASP A 401 21.50 7.76 -11.08
C ASP A 401 21.16 6.48 -10.37
N PHE A 402 19.86 6.31 -10.04
CA PHE A 402 19.32 5.12 -9.39
C PHE A 402 19.54 3.86 -10.23
N ASP A 403 19.36 3.94 -11.54
CA ASP A 403 19.55 2.83 -12.48
C ASP A 403 20.97 2.28 -12.61
N ARG A 404 21.92 3.23 -12.76
N ARG A 404 21.98 3.17 -12.80
CA ARG A 404 23.36 3.02 -12.91
CA ARG A 404 23.34 2.65 -12.94
C ARG A 404 23.86 2.30 -11.67
C ARG A 404 23.88 2.16 -11.59
N GLY A 405 23.57 2.90 -10.53
CA GLY A 405 23.98 2.51 -9.18
C GLY A 405 23.26 1.35 -8.52
N VAL A 406 21.96 1.14 -8.80
CA VAL A 406 21.20 0.07 -8.14
C VAL A 406 20.87 -1.08 -9.06
N PHE A 407 20.08 -0.84 -10.12
CA PHE A 407 19.63 -1.87 -11.05
C PHE A 407 20.81 -2.55 -11.75
N ARG A 408 21.81 -1.76 -12.14
CA ARG A 408 23.03 -2.27 -12.80
C ARG A 408 24.16 -2.48 -11.78
N GLY A 409 24.22 -1.62 -10.75
CA GLY A 409 25.27 -1.63 -9.73
C GLY A 409 25.11 -2.70 -8.67
N VAL A 410 24.32 -2.38 -7.60
CA VAL A 410 24.01 -3.26 -6.47
C VAL A 410 23.41 -4.60 -6.91
N LEU A 411 22.35 -4.57 -7.76
CA LEU A 411 21.65 -5.79 -8.20
C LEU A 411 22.31 -6.50 -9.38
N GLY A 412 23.28 -5.83 -10.02
CA GLY A 412 24.03 -6.40 -11.12
C GLY A 412 24.81 -7.64 -10.72
N GLY A 413 24.75 -8.67 -11.56
CA GLY A 413 25.39 -9.96 -11.35
C GLY A 413 24.50 -10.94 -10.58
N ALA A 416 19.05 -12.99 -6.72
CA ALA A 416 17.74 -12.49 -6.30
C ALA A 416 17.03 -13.42 -5.29
N GLY A 417 17.78 -14.38 -4.71
CA GLY A 417 17.26 -15.36 -3.76
C GLY A 417 16.38 -16.37 -4.46
N ALA A 418 15.07 -16.34 -4.17
CA ALA A 418 14.06 -17.17 -4.84
C ALA A 418 13.51 -16.41 -6.06
N GLY A 419 13.89 -15.12 -6.16
CA GLY A 419 13.46 -14.19 -7.19
C GLY A 419 12.44 -13.22 -6.64
N GLY A 420 11.75 -12.54 -7.54
CA GLY A 420 10.72 -11.57 -7.18
C GLY A 420 10.76 -10.32 -8.03
N PRO A 421 9.64 -9.58 -8.11
CA PRO A 421 9.65 -8.37 -8.94
C PRO A 421 10.40 -7.17 -8.36
N VAL A 422 10.83 -6.29 -9.25
CA VAL A 422 11.41 -5.01 -8.93
C VAL A 422 10.51 -4.04 -9.65
N LEU A 423 9.58 -3.40 -8.92
CA LEU A 423 8.63 -2.46 -9.54
C LEU A 423 9.21 -1.06 -9.64
N ILE A 424 8.81 -0.32 -10.65
CA ILE A 424 9.23 1.07 -10.85
C ILE A 424 8.21 1.84 -11.66
N TYR A 425 7.67 2.93 -11.10
CA TYR A 425 6.72 3.80 -11.81
C TYR A 425 6.58 5.17 -11.14
N PRO A 426 6.40 6.23 -11.93
CA PRO A 426 6.23 7.57 -11.33
C PRO A 426 4.80 7.91 -10.91
N MET A 427 4.67 8.88 -9.99
CA MET A 427 3.37 9.36 -9.51
C MET A 427 3.41 10.89 -9.43
N ASN A 428 2.24 11.52 -9.35
CA ASN A 428 2.09 12.96 -9.26
C ASN A 428 1.79 13.34 -7.83
N LYS A 429 2.71 14.10 -7.22
CA LYS A 429 2.57 14.57 -5.83
C LYS A 429 1.26 15.36 -5.58
N HIS A 430 0.78 16.16 -6.56
CA HIS A 430 -0.44 16.98 -6.35
C HIS A 430 -1.71 16.15 -6.10
N LYS A 431 -1.64 14.82 -6.34
CA LYS A 431 -2.76 13.92 -6.05
C LYS A 431 -2.72 13.41 -4.60
N TRP A 432 -1.70 13.82 -3.85
CA TRP A 432 -1.49 13.44 -2.44
C TRP A 432 -1.79 14.67 -1.61
N ASP A 433 -2.74 14.57 -0.68
CA ASP A 433 -3.07 15.73 0.16
C ASP A 433 -1.93 15.99 1.14
N PRO A 434 -1.32 17.20 1.15
CA PRO A 434 -0.19 17.45 2.07
C PRO A 434 -0.56 17.51 3.56
N ARG A 435 -1.86 17.53 3.90
CA ARG A 435 -2.32 17.54 5.29
C ARG A 435 -2.25 16.15 5.92
N SER A 436 -2.21 15.09 5.09
CA SER A 436 -2.12 13.71 5.61
C SER A 436 -0.73 13.46 6.26
N SER A 437 -0.60 12.34 7.00
CA SER A 437 0.64 11.90 7.61
C SER A 437 1.62 11.24 6.61
N ALA A 438 1.17 10.91 5.38
CA ALA A 438 2.05 10.26 4.39
C ALA A 438 3.25 11.14 4.03
N VAL A 439 4.41 10.50 3.95
CA VAL A 439 5.69 11.14 3.67
C VAL A 439 6.14 10.85 2.25
N THR A 440 6.17 11.89 1.42
CA THR A 440 6.62 11.75 0.05
C THR A 440 7.87 12.63 -0.17
N PRO A 441 8.70 12.39 -1.20
CA PRO A 441 9.81 13.33 -1.47
C PRO A 441 9.27 14.73 -1.85
N ASP A 442 10.13 15.76 -1.68
CA ASP A 442 9.88 17.18 -1.99
C ASP A 442 10.07 17.43 -3.51
N GLU A 443 9.26 16.78 -4.35
CA GLU A 443 9.31 16.92 -5.81
C GLU A 443 7.97 16.53 -6.37
N GLU A 444 7.52 17.25 -7.41
CA GLU A 444 6.21 17.05 -8.05
C GLU A 444 6.01 15.64 -8.62
N VAL A 445 7.08 15.08 -9.17
CA VAL A 445 7.07 13.74 -9.73
C VAL A 445 8.09 12.91 -8.94
N PHE A 446 7.66 11.75 -8.45
CA PHE A 446 8.53 10.81 -7.74
C PHE A 446 8.13 9.42 -8.14
N TYR A 447 9.06 8.48 -8.02
CA TYR A 447 8.83 7.09 -8.33
C TYR A 447 8.71 6.23 -7.13
N LEU A 448 7.89 5.17 -7.25
CA LEU A 448 7.94 4.07 -6.33
C LEU A 448 9.01 3.15 -6.97
N VAL A 449 9.96 2.70 -6.15
CA VAL A 449 10.92 1.68 -6.51
C VAL A 449 10.71 0.59 -5.46
N ALA A 450 10.15 -0.55 -5.90
CA ALA A 450 9.80 -1.66 -5.00
C ALA A 450 10.67 -2.88 -5.23
N PHE A 451 11.50 -3.23 -4.23
CA PHE A 451 12.39 -4.40 -4.28
C PHE A 451 11.63 -5.51 -3.54
N LEU A 452 10.96 -6.36 -4.32
CA LEU A 452 10.07 -7.41 -3.80
C LEU A 452 10.66 -8.79 -4.00
N ARG A 453 11.89 -8.95 -3.51
CA ARG A 453 12.62 -10.19 -3.66
C ARG A 453 12.50 -11.03 -2.43
N SER A 454 12.14 -12.29 -2.63
CA SER A 454 11.96 -13.21 -1.52
C SER A 454 13.19 -14.09 -1.31
N ALA A 455 13.42 -14.49 -0.05
CA ALA A 455 14.49 -15.40 0.32
C ALA A 455 14.11 -16.84 -0.12
N LEU A 456 15.10 -17.71 -0.29
CA LEU A 456 14.92 -19.11 -0.65
C LEU A 456 14.30 -19.85 0.56
N PRO A 457 13.40 -20.84 0.36
CA PRO A 457 12.80 -21.53 1.54
C PRO A 457 13.82 -22.30 2.37
N GLY A 458 13.66 -22.25 3.71
CA GLY A 458 14.50 -22.94 4.69
C GLY A 458 15.99 -22.61 4.62
N ALA A 459 16.36 -21.49 3.93
CA ALA A 459 17.74 -21.03 3.70
C ALA A 459 17.99 -19.67 4.37
N PRO A 460 18.34 -19.62 5.67
CA PRO A 460 18.57 -18.32 6.33
C PRO A 460 19.61 -17.39 5.69
N GLU A 461 20.67 -17.94 5.06
CA GLU A 461 21.74 -17.17 4.40
C GLU A 461 21.21 -16.34 3.23
N SER A 462 20.11 -16.81 2.59
CA SER A 462 19.47 -16.16 1.45
C SER A 462 18.85 -14.81 1.92
N LEU A 463 18.18 -14.83 3.09
CA LEU A 463 17.58 -13.66 3.75
C LEU A 463 18.68 -12.67 4.13
N GLU A 464 19.80 -13.18 4.71
CA GLU A 464 20.95 -12.34 5.07
C GLU A 464 21.55 -11.65 3.86
N ALA A 465 21.67 -12.35 2.71
CA ALA A 465 22.26 -11.74 1.49
C ALA A 465 21.34 -10.63 0.93
N LEU A 466 20.02 -10.87 0.97
CA LEU A 466 19.00 -9.90 0.55
C LEU A 466 19.01 -8.73 1.49
N ALA A 467 19.14 -8.97 2.81
CA ALA A 467 19.23 -7.87 3.77
C ALA A 467 20.47 -6.99 3.53
N ARG A 468 21.63 -7.59 3.16
CA ARG A 468 22.84 -6.82 2.87
C ARG A 468 22.62 -5.99 1.60
N GLN A 469 21.95 -6.56 0.57
CA GLN A 469 21.63 -5.81 -0.64
C GLN A 469 20.76 -4.56 -0.36
N ASN A 470 19.74 -4.70 0.53
CA ASN A 470 18.82 -3.62 0.91
C ASN A 470 19.60 -2.50 1.61
N GLN A 471 20.50 -2.88 2.57
CA GLN A 471 21.33 -1.90 3.25
C GLN A 471 22.28 -1.18 2.22
N ARG A 472 22.79 -1.89 1.19
CA ARG A 472 23.62 -1.28 0.12
C ARG A 472 22.81 -0.24 -0.70
N ILE A 473 21.53 -0.53 -0.95
CA ILE A 473 20.63 0.39 -1.66
C ILE A 473 20.41 1.66 -0.79
N LEU A 474 20.09 1.47 0.51
CA LEU A 474 19.90 2.59 1.45
C LEU A 474 21.18 3.46 1.55
N ASP A 475 22.35 2.78 1.62
CA ASP A 475 23.68 3.42 1.70
C ASP A 475 23.96 4.20 0.42
N PHE A 476 23.57 3.63 -0.74
CA PHE A 476 23.72 4.29 -2.03
C PHE A 476 22.93 5.60 -2.04
N CYS A 477 21.66 5.57 -1.59
CA CYS A 477 20.81 6.77 -1.54
C CYS A 477 21.42 7.82 -0.60
N ALA A 478 21.88 7.38 0.60
CA ALA A 478 22.48 8.27 1.61
C ALA A 478 23.79 8.90 1.09
N GLY A 479 24.67 8.08 0.52
CA GLY A 479 25.98 8.45 0.02
C GLY A 479 25.99 9.39 -1.18
N THR A 480 24.90 9.43 -1.94
CA THR A 480 24.80 10.26 -3.14
C THR A 480 23.78 11.37 -2.93
N GLY A 481 23.25 11.50 -1.72
CA GLY A 481 22.30 12.56 -1.37
C GLY A 481 20.96 12.50 -2.11
N ILE A 482 20.49 11.29 -2.44
CA ILE A 482 19.18 11.11 -3.08
C ILE A 482 18.16 11.28 -1.93
N GLY A 483 17.28 12.24 -2.09
CA GLY A 483 16.25 12.49 -1.08
C GLY A 483 15.11 11.49 -1.14
N ALA A 484 15.44 10.18 -1.17
CA ALA A 484 14.46 9.10 -1.16
C ALA A 484 13.78 9.03 0.23
N LYS A 485 12.54 8.55 0.24
CA LYS A 485 11.78 8.30 1.46
C LYS A 485 11.30 6.85 1.43
N GLN A 486 11.37 6.14 2.56
CA GLN A 486 10.84 4.79 2.62
C GLN A 486 9.32 4.85 2.71
N TYR A 487 8.65 3.99 1.90
CA TYR A 487 7.21 3.75 1.98
C TYR A 487 7.14 2.49 2.86
N LEU A 488 6.15 2.42 3.77
CA LEU A 488 6.01 1.38 4.82
C LEU A 488 7.33 1.47 5.62
N PRO A 489 7.72 2.68 6.15
CA PRO A 489 9.05 2.82 6.78
C PRO A 489 9.36 1.79 7.86
N GLY A 490 10.56 1.23 7.75
CA GLY A 490 11.06 0.21 8.65
C GLY A 490 12.09 0.75 9.64
N HIS A 491 12.12 2.10 9.80
CA HIS A 491 13.04 2.79 10.73
C HIS A 491 12.78 2.36 12.17
N LYS A 492 13.80 2.37 13.02
CA LYS A 492 13.53 2.03 14.41
C LYS A 492 14.14 3.05 15.41
N ALA A 493 15.21 3.80 14.98
CA ALA A 493 15.85 4.82 15.82
C ALA A 493 15.18 6.19 15.67
N ARG A 494 15.03 6.94 16.78
CA ARG A 494 14.41 8.26 16.85
C ARG A 494 15.01 9.25 15.85
N HIS A 495 16.35 9.25 15.67
CA HIS A 495 17.02 10.12 14.71
C HIS A 495 16.64 9.74 13.25
N GLU A 496 16.44 8.43 12.96
CA GLU A 496 16.00 7.94 11.65
C GLU A 496 14.55 8.45 11.38
N TRP A 497 13.65 8.41 12.39
CA TRP A 497 12.26 8.89 12.22
C TRP A 497 12.21 10.40 12.04
N ALA A 498 13.07 11.15 12.77
CA ALA A 498 13.16 12.62 12.70
C ALA A 498 13.56 13.03 11.27
N GLU A 499 14.56 12.34 10.73
CA GLU A 499 15.09 12.54 9.37
C GLU A 499 14.02 12.16 8.32
N HIS A 500 13.29 11.05 8.54
CA HIS A 500 12.22 10.57 7.64
C HIS A 500 11.13 11.65 7.48
N PHE A 501 10.59 12.13 8.59
CA PHE A 501 9.54 13.14 8.60
C PHE A 501 10.02 14.56 8.26
N GLY A 502 11.20 14.95 8.76
CA GLY A 502 11.65 16.33 8.63
C GLY A 502 11.06 17.10 9.80
N ALA A 503 11.64 18.26 10.14
CA ALA A 503 11.22 19.03 11.33
C ALA A 503 9.72 19.35 11.42
N ALA A 504 9.15 20.03 10.41
CA ALA A 504 7.73 20.41 10.41
C ALA A 504 6.78 19.19 10.58
N ARG A 505 6.97 18.12 9.78
CA ARG A 505 6.12 16.92 9.85
C ARG A 505 6.31 16.13 11.15
N TRP A 506 7.56 16.07 11.67
CA TRP A 506 7.80 15.39 12.94
C TRP A 506 7.07 16.08 14.07
N ASP A 507 7.08 17.43 14.06
CA ASP A 507 6.39 18.24 15.05
C ASP A 507 4.88 18.02 14.99
N ARG A 508 4.27 17.99 13.78
CA ARG A 508 2.83 17.71 13.64
C ARG A 508 2.50 16.27 14.16
N PHE A 509 3.35 15.29 13.82
CA PHE A 509 3.22 13.87 14.19
C PHE A 509 3.24 13.63 15.71
N ALA A 510 4.25 14.20 16.40
CA ALA A 510 4.42 14.09 17.86
C ALA A 510 3.23 14.77 18.60
N ARG A 511 2.78 15.95 18.10
CA ARG A 511 1.63 16.65 18.69
C ARG A 511 0.34 15.83 18.55
N LEU A 512 0.15 15.18 17.36
CA LEU A 512 -1.02 14.33 17.14
C LEU A 512 -0.94 13.14 18.09
N LYS A 513 0.27 12.60 18.32
CA LYS A 513 0.47 11.46 19.24
C LYS A 513 0.09 11.85 20.68
N ALA A 514 0.54 13.04 21.14
CA ALA A 514 0.28 13.58 22.48
C ALA A 514 -1.23 13.67 22.77
N GLU A 515 -1.99 14.08 21.76
CA GLU A 515 -3.44 14.25 21.78
C GLU A 515 -4.23 12.93 21.67
N PHE A 516 -3.89 12.03 20.71
CA PHE A 516 -4.71 10.85 20.47
C PHE A 516 -4.18 9.53 21.02
N ASP A 517 -2.88 9.40 21.32
CA ASP A 517 -2.30 8.20 21.93
C ASP A 517 -1.14 8.58 22.91
N PRO A 518 -1.44 9.39 23.98
CA PRO A 518 -0.38 9.82 24.93
C PRO A 518 0.42 8.70 25.59
N ARG A 519 -0.21 7.53 25.85
CA ARG A 519 0.49 6.41 26.48
C ARG A 519 1.21 5.50 25.48
N ALA A 520 1.16 5.87 24.15
CA ALA A 520 1.80 5.15 23.05
C ALA A 520 1.40 3.67 23.02
N ILE A 521 0.11 3.41 23.29
CA ILE A 521 -0.49 2.07 23.31
C ILE A 521 -0.58 1.44 21.91
N LEU A 522 -0.92 2.25 20.91
CA LEU A 522 -1.23 1.79 19.56
C LEU A 522 -0.08 1.67 18.60
N ALA A 523 -0.10 0.52 17.89
CA ALA A 523 0.82 0.18 16.81
C ALA A 523 2.30 0.43 17.20
N ALA A 524 2.68 -0.01 18.43
CA ALA A 524 4.04 0.14 18.98
C ALA A 524 5.08 -0.64 18.19
N GLY A 525 4.63 -1.62 17.42
CA GLY A 525 5.50 -2.41 16.54
C GLY A 525 6.16 -1.58 15.44
N GLN A 526 5.61 -0.36 15.17
CA GLN A 526 6.16 0.60 14.19
C GLN A 526 7.51 1.16 14.72
N GLY A 527 7.67 1.12 16.05
CA GLY A 527 8.88 1.56 16.75
C GLY A 527 9.19 3.04 16.64
N ILE A 528 8.14 3.89 16.76
CA ILE A 528 8.28 5.35 16.66
C ILE A 528 8.31 6.00 18.07
N PHE A 529 7.31 5.68 18.89
CA PHE A 529 7.15 6.21 20.25
C PHE A 529 7.27 5.08 21.27
N ARG A 530 7.72 5.38 22.49
CA ARG A 530 7.90 4.38 23.55
C ARG A 530 7.37 4.87 24.91
PA FAD B . -1.17 -5.00 8.71
O1A FAD B . 0.11 -5.40 8.11
O2A FAD B . -1.83 -6.10 9.56
O5B FAD B . -1.10 -3.64 9.57
C5B FAD B . -0.23 -2.58 9.11
C4B FAD B . -0.13 -1.46 10.13
O4B FAD B . -1.40 -0.79 10.24
C3B FAD B . 0.24 -1.88 11.55
O3B FAD B . 0.93 -0.82 12.20
C2B FAD B . -1.15 -2.14 12.17
O2B FAD B . -1.18 -2.11 13.59
C1B FAD B . -1.98 -1.03 11.51
N9A FAD B . -3.40 -1.31 11.32
C8A FAD B . -3.97 -2.44 10.80
N7A FAD B . -5.27 -2.35 10.65
C5A FAD B . -5.58 -1.09 11.14
C6A FAD B . -6.80 -0.40 11.29
N6A FAD B . -7.99 -0.93 11.03
N1A FAD B . -6.74 0.86 11.79
C2A FAD B . -5.55 1.38 12.12
N3A FAD B . -4.34 0.81 12.03
C4A FAD B . -4.43 -0.43 11.53
N1 FAD B . 0.87 -1.70 -0.48
C2 FAD B . 0.60 -0.80 -1.46
O2 FAD B . 0.38 0.39 -1.23
N3 FAD B . 0.51 -1.22 -2.76
C4 FAD B . 0.60 -2.53 -3.20
O4 FAD B . 0.51 -2.78 -4.39
C4X FAD B . 0.82 -3.49 -2.15
N5 FAD B . 0.87 -4.76 -2.48
C5X FAD B . 1.15 -5.67 -1.47
C6 FAD B . 1.27 -7.02 -1.80
C7 FAD B . 1.60 -7.98 -0.85
C7M FAD B . 1.84 -9.40 -1.29
C8 FAD B . 1.78 -7.59 0.49
C8M FAD B . 2.04 -8.60 1.57
C9 FAD B . 1.68 -6.24 0.83
C9A FAD B . 1.39 -5.27 -0.14
N10 FAD B . 1.34 -3.89 0.15
C10 FAD B . 1.01 -2.98 -0.81
C1' FAD B . 1.67 -3.40 1.51
C2' FAD B . 0.47 -3.18 2.42
O2' FAD B . -0.22 -1.98 2.05
C3' FAD B . 0.89 -3.10 3.89
O3' FAD B . 1.42 -4.36 4.28
C4' FAD B . -0.15 -2.65 4.92
O4' FAD B . 0.36 -2.86 6.23
C5' FAD B . -1.53 -3.26 4.74
O5' FAD B . -1.52 -4.69 4.96
P FAD B . -2.52 -5.27 6.16
O1P FAD B . -3.94 -5.00 5.87
O2P FAD B . -2.26 -6.76 6.31
O3P FAD B . -2.16 -4.57 7.53
C2 V2F C . 3.09 -7.31 -9.11
N1 V2F C . 3.28 -7.62 -10.39
C4 V2F C . 3.43 -8.35 -8.09
C5 V2F C . 3.70 -9.64 -8.54
C6 V2F C . 4.09 -10.64 -7.65
C7 V2F C . 4.20 -10.34 -6.30
C9 V2F C . 4.02 -12.08 -4.73
C13 V2F C . 3.92 -9.07 -5.83
C14 V2F C . 3.52 -8.06 -6.71
C16 V2F C . 3.41 -6.27 -4.97
C19 V2F C . 3.72 -4.09 -3.79
C20 V2F C . 3.67 -2.72 -3.99
C21 V2F C . 3.98 -1.88 -2.94
C23 V2F C . 4.35 -2.35 -1.69
C24 V2F C . 4.39 -3.73 -1.52
O3 V2F C . 2.64 -6.21 -8.76
O8 V2F C . 4.79 -11.27 -5.45
F10 V2F C . 3.39 -12.93 -5.53
F11 V2F C . 4.76 -12.75 -3.86
F12 V2F C . 3.08 -11.43 -4.04
N15 V2F C . 3.28 -6.73 -6.25
O17 V2F C . 3.56 -7.01 -3.99
N18 V2F C . 3.36 -4.91 -4.90
CL22 V2F C . 3.92 -0.15 -3.20
CL25 V2F C . 4.86 -4.39 0.03
C26 V2F C . 4.09 -4.61 -2.55
#